data_1UXZ
#
_entry.id   1UXZ
#
_cell.length_a   63.110
_cell.length_b   66.956
_cell.length_c   85.390
_cell.angle_alpha   90.00
_cell.angle_beta   90.00
_cell.angle_gamma   90.00
#
_symmetry.space_group_name_H-M   'P 21 21 21'
#
loop_
_entity.id
_entity.type
_entity.pdbx_description
1 polymer 'CELLULASE B'
2 water water
#
_entity_poly.entity_id   1
_entity_poly.type   'polypeptide(L)'
_entity_poly.pdbx_seq_one_letter_code
;MVIATIQAEDHSQQSGTQQETTTDTGGGKNVGYIDAGDWLSYAGTPVNIPSSGSYLIEYRVASQNGGGSLTFEEAGGAPV
HGTIAIPATGGWQTWTTIQHTVNLSAGSHQFGIKANAGGWNLNWIRINKTH
;
_entity_poly.pdbx_strand_id   A,B
#
# COMPACT_ATOMS: atom_id res chain seq x y z
N MET A 1 5.26 -14.10 -4.56
CA MET A 1 4.00 -13.37 -4.27
C MET A 1 4.30 -12.06 -3.56
N VAL A 2 3.71 -11.01 -4.08
CA VAL A 2 4.04 -9.65 -3.65
C VAL A 2 3.25 -9.29 -2.39
N ILE A 3 3.98 -8.92 -1.34
CA ILE A 3 3.39 -8.49 -0.08
C ILE A 3 3.07 -7.00 -0.15
N ALA A 4 4.01 -6.23 -0.63
CA ALA A 4 3.83 -4.79 -0.77
C ALA A 4 4.78 -4.21 -1.77
N THR A 5 4.33 -3.19 -2.48
CA THR A 5 5.20 -2.26 -3.18
C THR A 5 5.07 -0.91 -2.49
N ILE A 6 6.20 -0.30 -2.17
CA ILE A 6 6.24 0.98 -1.49
C ILE A 6 7.03 1.93 -2.36
N GLN A 7 6.41 2.98 -2.85
CA GLN A 7 7.12 3.99 -3.59
C GLN A 7 8.04 4.76 -2.64
N ALA A 8 9.27 4.98 -3.05
CA ALA A 8 10.27 5.55 -2.14
C ALA A 8 9.86 6.92 -1.61
N GLU A 9 9.17 7.66 -2.47
CA GLU A 9 8.70 9.01 -2.17
C GLU A 9 7.52 9.06 -1.21
N ASP A 10 6.92 7.92 -0.91
CA ASP A 10 5.75 7.84 -0.02
C ASP A 10 6.13 7.57 1.44
N HIS A 11 7.31 8.04 1.82
CA HIS A 11 7.76 8.01 3.21
C HIS A 11 6.95 8.92 4.11
N SER A 12 6.81 8.51 5.37
CA SER A 12 6.15 9.33 6.38
C SER A 12 7.11 10.24 7.12
N GLN A 13 8.40 9.94 7.06
CA GLN A 13 9.44 10.82 7.60
C GLN A 13 10.71 10.54 6.81
N GLN A 14 11.61 11.50 6.74
CA GLN A 14 12.88 11.28 6.07
C GLN A 14 13.93 12.21 6.66
N SER A 15 15.19 11.94 6.36
CA SER A 15 16.28 12.83 6.72
C SER A 15 17.29 12.89 5.57
N GLY A 16 17.56 14.11 5.11
CA GLY A 16 18.66 14.39 4.23
C GLY A 16 18.47 14.25 2.73
N THR A 17 17.27 13.93 2.28
CA THR A 17 17.03 13.58 0.87
C THR A 17 16.05 14.56 0.25
N GLN A 18 15.86 14.41 -1.06
CA GLN A 18 14.94 15.24 -1.82
C GLN A 18 14.32 14.39 -2.92
N GLN A 19 13.06 14.66 -3.23
CA GLN A 19 12.36 13.96 -4.30
C GLN A 19 12.55 14.66 -5.63
N GLU A 20 12.41 13.89 -6.69
CA GLU A 20 12.50 14.43 -8.06
C GLU A 20 11.71 13.54 -9.01
N THR A 21 11.37 14.07 -10.17
CA THR A 21 10.71 13.27 -11.19
C THR A 21 11.65 12.20 -11.70
N THR A 22 11.13 11.00 -11.91
CA THR A 22 11.89 9.94 -12.53
C THR A 22 11.42 9.64 -13.94
N THR A 23 12.34 9.25 -14.80
CA THR A 23 11.98 8.78 -16.14
C THR A 23 11.98 7.27 -16.22
N ASP A 24 12.07 6.59 -15.09
CA ASP A 24 11.93 5.15 -15.08
C ASP A 24 10.54 4.77 -15.58
N THR A 25 10.39 3.53 -16.00
CA THR A 25 9.10 2.95 -16.36
C THR A 25 8.04 3.26 -15.31
N GLY A 26 6.89 3.75 -15.75
CA GLY A 26 5.82 4.10 -14.85
C GLY A 26 5.84 5.55 -14.38
N GLY A 27 6.97 6.24 -14.62
CA GLY A 27 7.11 7.62 -14.22
C GLY A 27 6.98 7.84 -12.72
N GLY A 28 6.45 8.98 -12.33
CA GLY A 28 6.31 9.31 -10.92
C GLY A 28 7.57 9.98 -10.42
N LYS A 29 8.00 9.58 -9.22
CA LYS A 29 9.11 10.23 -8.53
C LYS A 29 10.13 9.25 -8.00
N ASN A 30 11.34 9.73 -7.76
CA ASN A 30 12.33 8.97 -7.00
C ASN A 30 12.88 9.86 -5.90
N VAL A 31 13.50 9.22 -4.92
CA VAL A 31 14.26 9.92 -3.90
C VAL A 31 15.70 9.99 -4.37
N GLY A 32 16.30 11.16 -4.20
CA GLY A 32 17.70 11.37 -4.52
C GLY A 32 18.41 12.20 -3.47
N TYR A 33 19.61 12.61 -3.82
CA TYR A 33 20.52 13.31 -2.90
C TYR A 33 20.71 12.53 -1.60
N ILE A 34 21.02 11.27 -1.77
CA ILE A 34 21.22 10.32 -0.68
C ILE A 34 22.71 10.25 -0.31
N ASP A 35 22.98 10.34 0.98
CA ASP A 35 24.32 10.34 1.54
C ASP A 35 24.31 9.51 2.81
N ALA A 36 25.51 9.15 3.27
CA ALA A 36 25.67 8.43 4.54
C ALA A 36 24.99 9.17 5.68
N GLY A 37 24.13 8.45 6.41
CA GLY A 37 23.35 8.98 7.50
C GLY A 37 21.90 9.27 7.16
N ASP A 38 21.63 9.47 5.88
CA ASP A 38 20.28 9.79 5.44
C ASP A 38 19.38 8.57 5.60
N TRP A 39 18.09 8.81 5.71
CA TRP A 39 17.14 7.74 5.95
C TRP A 39 15.75 8.08 5.52
N LEU A 40 14.95 7.03 5.37
CA LEU A 40 13.58 7.10 4.93
C LEU A 40 12.76 6.21 5.83
N SER A 41 11.67 6.71 6.39
CA SER A 41 10.80 5.92 7.22
C SER A 41 9.47 5.72 6.51
N TYR A 42 8.97 4.48 6.55
CA TYR A 42 7.66 4.12 6.05
C TYR A 42 6.75 3.69 7.19
N ALA A 43 6.99 4.24 8.38
CA ALA A 43 6.22 3.87 9.56
C ALA A 43 4.75 4.23 9.42
N GLY A 44 4.43 5.23 8.62
CA GLY A 44 3.04 5.63 8.42
C GLY A 44 2.20 4.61 7.66
N THR A 45 2.85 3.70 6.93
CA THR A 45 2.19 2.65 6.17
C THR A 45 2.71 1.30 6.61
N PRO A 46 2.23 0.79 7.74
CA PRO A 46 2.69 -0.53 8.19
C PRO A 46 2.33 -1.59 7.17
N VAL A 47 3.19 -2.59 7.06
CA VAL A 47 3.03 -3.69 6.12
C VAL A 47 2.83 -4.96 6.92
N ASN A 48 1.86 -5.78 6.53
CA ASN A 48 1.56 -7.01 7.24
C ASN A 48 2.36 -8.16 6.67
N ILE A 49 3.12 -8.83 7.53
CA ILE A 49 3.89 -9.99 7.16
C ILE A 49 3.11 -11.21 7.64
N PRO A 50 2.66 -12.05 6.72
CA PRO A 50 1.69 -13.09 7.10
C PRO A 50 2.28 -14.25 7.91
N SER A 51 3.57 -14.49 7.79
CA SER A 51 4.20 -15.62 8.46
C SER A 51 5.69 -15.36 8.64
N SER A 52 6.25 -15.86 9.72
CA SER A 52 7.68 -15.69 9.97
C SER A 52 8.47 -16.50 8.98
N GLY A 53 9.51 -15.89 8.42
CA GLY A 53 10.37 -16.55 7.50
C GLY A 53 11.05 -15.64 6.51
N SER A 54 11.49 -16.22 5.42
CA SER A 54 12.29 -15.55 4.44
C SER A 54 11.43 -14.73 3.50
N TYR A 55 11.83 -13.48 3.28
CA TYR A 55 11.22 -12.57 2.32
C TYR A 55 12.30 -11.99 1.43
N LEU A 56 11.98 -11.81 0.16
CA LEU A 56 12.86 -11.21 -0.82
C LEU A 56 12.50 -9.73 -0.95
N ILE A 57 13.45 -8.87 -0.67
CA ILE A 57 13.26 -7.44 -0.78
C ILE A 57 13.97 -6.94 -2.01
N GLU A 58 13.22 -6.22 -2.84
CA GLU A 58 13.72 -5.63 -4.08
C GLU A 58 13.77 -4.11 -3.99
N TYR A 59 14.77 -3.52 -4.61
CA TYR A 59 14.97 -2.08 -4.61
C TYR A 59 15.19 -1.64 -6.05
N ARG A 60 14.44 -0.64 -6.49
CA ARG A 60 14.60 -0.09 -7.83
C ARG A 60 15.51 1.11 -7.71
N VAL A 61 16.74 0.98 -8.22
CA VAL A 61 17.81 1.91 -7.92
C VAL A 61 18.53 2.40 -9.16
N ALA A 62 19.16 3.56 -9.05
CA ALA A 62 20.00 4.11 -10.11
C ALA A 62 21.22 4.70 -9.43
N SER A 63 22.38 4.62 -10.07
CA SER A 63 23.59 5.15 -9.47
C SER A 63 24.62 5.47 -10.55
N GLN A 64 25.07 6.71 -10.59
CA GLN A 64 26.04 7.10 -11.60
C GLN A 64 27.37 6.36 -11.44
N ASN A 65 27.89 6.33 -10.21
CA ASN A 65 29.26 5.86 -9.96
C ASN A 65 29.39 4.66 -9.02
N GLY A 66 28.29 4.16 -8.48
CA GLY A 66 28.34 3.05 -7.57
C GLY A 66 28.84 3.45 -6.19
N GLY A 67 29.12 2.44 -5.36
CA GLY A 67 29.69 2.67 -4.04
C GLY A 67 28.70 2.78 -2.90
N GLY A 68 27.41 2.83 -3.20
CA GLY A 68 26.40 3.00 -2.18
C GLY A 68 26.05 1.71 -1.46
N SER A 69 25.38 1.85 -0.33
CA SER A 69 24.83 0.72 0.39
C SER A 69 23.71 1.21 1.29
N LEU A 70 22.78 0.32 1.59
CA LEU A 70 21.71 0.62 2.51
C LEU A 70 21.45 -0.51 3.48
N THR A 71 20.76 -0.14 4.55
CA THR A 71 20.28 -1.06 5.57
C THR A 71 18.75 -0.99 5.55
N PHE A 72 18.11 -2.14 5.46
CA PHE A 72 16.66 -2.30 5.57
C PHE A 72 16.38 -2.72 7.00
N GLU A 73 15.49 -2.00 7.66
CA GLU A 73 15.32 -2.16 9.10
C GLU A 73 13.91 -1.84 9.49
N GLU A 74 13.60 -2.08 10.75
CA GLU A 74 12.40 -1.57 11.34
C GLU A 74 12.63 -0.09 11.60
N ALA A 75 11.62 0.73 11.34
CA ALA A 75 11.73 2.17 11.56
C ALA A 75 12.22 2.43 12.99
N GLY A 76 13.23 3.28 13.13
CA GLY A 76 13.88 3.52 14.41
C GLY A 76 15.22 2.81 14.54
N GLY A 77 15.49 1.84 13.69
CA GLY A 77 16.77 1.17 13.65
C GLY A 77 16.91 -0.18 14.33
N ALA A 78 15.85 -0.71 14.92
CA ALA A 78 15.91 -2.02 15.56
C ALA A 78 14.56 -2.77 15.49
N PRO A 79 14.53 -4.04 15.08
CA PRO A 79 15.70 -4.77 14.56
C PRO A 79 16.08 -4.35 13.15
N VAL A 80 17.32 -4.63 12.80
CA VAL A 80 17.80 -4.52 11.45
C VAL A 80 17.51 -5.83 10.73
N HIS A 81 17.02 -5.72 9.50
CA HIS A 81 16.69 -6.89 8.67
C HIS A 81 17.80 -7.30 7.71
N GLY A 82 18.45 -6.35 7.06
CA GLY A 82 19.49 -6.70 6.13
C GLY A 82 20.19 -5.53 5.54
N THR A 83 21.23 -5.79 4.77
CA THR A 83 22.03 -4.77 4.09
C THR A 83 22.24 -5.19 2.64
N ILE A 84 22.50 -4.22 1.79
CA ILE A 84 22.70 -4.49 0.39
C ILE A 84 23.57 -3.40 -0.24
N ALA A 85 24.49 -3.83 -1.08
CA ALA A 85 25.32 -2.96 -1.88
C ALA A 85 24.55 -2.51 -3.14
N ILE A 86 24.78 -1.26 -3.53
CA ILE A 86 24.08 -0.70 -4.66
C ILE A 86 25.09 -0.45 -5.78
N PRO A 87 24.94 -1.18 -6.89
CA PRO A 87 25.90 -1.13 -7.99
C PRO A 87 25.77 0.14 -8.81
N ALA A 88 26.83 0.52 -9.52
CA ALA A 88 26.69 1.53 -10.55
C ALA A 88 25.75 1.02 -11.64
N THR A 89 24.90 1.90 -12.14
CA THR A 89 24.03 1.63 -13.28
C THR A 89 24.41 2.48 -14.50
N GLY A 90 25.32 3.42 -14.31
CA GLY A 90 25.81 4.26 -15.40
C GLY A 90 25.10 5.59 -15.52
N GLY A 91 24.07 5.81 -14.72
CA GLY A 91 23.40 7.09 -14.74
C GLY A 91 22.39 7.24 -13.63
N TRP A 92 22.07 8.49 -13.33
CA TRP A 92 21.13 8.83 -12.26
C TRP A 92 19.70 8.45 -12.60
N GLN A 93 19.41 8.25 -13.88
CA GLN A 93 18.10 7.78 -14.31
C GLN A 93 18.23 6.53 -15.18
N THR A 94 19.25 5.72 -14.93
CA THR A 94 19.39 4.41 -15.53
C THR A 94 19.11 3.42 -14.40
N TRP A 95 17.99 2.74 -14.52
CA TRP A 95 17.38 2.00 -13.40
C TRP A 95 17.59 0.52 -13.51
N THR A 96 17.80 -0.13 -12.38
CA THR A 96 17.85 -1.58 -12.28
C THR A 96 17.22 -2.02 -10.97
N THR A 97 16.85 -3.27 -10.89
CA THR A 97 16.25 -3.82 -9.67
C THR A 97 17.27 -4.75 -9.03
N ILE A 98 17.61 -4.48 -7.77
CA ILE A 98 18.49 -5.35 -6.97
C ILE A 98 17.66 -6.00 -5.86
N GLN A 99 18.21 -7.03 -5.25
CA GLN A 99 17.46 -7.79 -4.27
C GLN A 99 18.34 -8.51 -3.28
N HIS A 100 17.74 -8.78 -2.12
CA HIS A 100 18.32 -9.67 -1.12
C HIS A 100 17.23 -10.31 -0.31
N THR A 101 17.59 -11.31 0.50
CA THR A 101 16.65 -11.95 1.40
C THR A 101 16.91 -11.54 2.83
N VAL A 102 15.83 -11.50 3.59
CA VAL A 102 15.87 -11.23 5.01
C VAL A 102 14.89 -12.17 5.69
N ASN A 103 15.06 -12.36 7.00
CA ASN A 103 14.04 -13.00 7.81
C ASN A 103 13.17 -11.92 8.42
N LEU A 104 11.84 -12.10 8.38
CA LEU A 104 10.90 -11.21 9.03
C LEU A 104 9.97 -12.01 9.90
N SER A 105 9.66 -11.48 11.07
CA SER A 105 8.67 -12.08 11.94
C SER A 105 7.26 -11.76 11.45
N ALA A 106 6.33 -12.66 11.73
CA ALA A 106 4.94 -12.42 11.39
C ALA A 106 4.39 -11.21 12.13
N GLY A 107 3.49 -10.48 11.48
CA GLY A 107 2.78 -9.38 12.09
C GLY A 107 2.99 -8.07 11.35
N SER A 108 2.59 -6.99 11.99
CA SER A 108 2.65 -5.67 11.40
C SER A 108 4.05 -5.08 11.57
N HIS A 109 4.65 -4.65 10.48
CA HIS A 109 5.97 -4.05 10.47
C HIS A 109 5.93 -2.62 10.00
N GLN A 110 6.77 -1.78 10.57
CA GLN A 110 7.00 -0.43 10.10
C GLN A 110 8.44 -0.41 9.62
N PHE A 111 8.65 -0.26 8.32
CA PHE A 111 9.97 -0.38 7.76
C PHE A 111 10.65 0.96 7.59
N GLY A 112 11.97 0.94 7.54
CA GLY A 112 12.78 2.08 7.23
C GLY A 112 14.01 1.68 6.43
N ILE A 113 14.62 2.65 5.76
CA ILE A 113 15.86 2.46 5.01
C ILE A 113 16.86 3.47 5.51
N LYS A 114 18.06 3.01 5.83
CA LYS A 114 19.18 3.88 6.25
C LYS A 114 20.27 3.77 5.21
N ALA A 115 20.74 4.90 4.70
CA ALA A 115 21.85 4.92 3.77
C ALA A 115 23.16 4.84 4.55
N ASN A 116 23.92 3.79 4.29
CA ASN A 116 25.25 3.67 4.89
C ASN A 116 26.32 4.39 4.07
N ALA A 117 26.07 4.49 2.78
CA ALA A 117 26.92 5.23 1.86
C ALA A 117 26.01 5.70 0.75
N GLY A 118 26.21 6.91 0.27
CA GLY A 118 25.35 7.49 -0.75
C GLY A 118 25.75 7.17 -2.16
N GLY A 119 25.28 8.00 -3.09
CA GLY A 119 25.60 7.87 -4.50
C GLY A 119 24.56 7.16 -5.36
N TRP A 120 23.34 7.04 -4.84
CA TRP A 120 22.28 6.29 -5.53
C TRP A 120 20.94 6.99 -5.33
N ASN A 121 20.01 6.65 -6.22
CA ASN A 121 18.61 7.09 -6.18
C ASN A 121 17.73 5.87 -5.97
N LEU A 122 16.53 6.08 -5.45
CA LEU A 122 15.60 5.00 -5.11
C LEU A 122 14.20 5.33 -5.63
N ASN A 123 13.63 4.44 -6.45
CA ASN A 123 12.30 4.65 -7.01
C ASN A 123 11.21 4.01 -6.16
N TRP A 124 11.42 2.76 -5.79
CA TRP A 124 10.46 1.98 -5.02
C TRP A 124 11.17 0.76 -4.42
N ILE A 125 10.46 0.13 -3.49
CA ILE A 125 10.87 -1.07 -2.77
C ILE A 125 9.72 -2.06 -2.91
N ARG A 126 10.04 -3.33 -3.01
CA ARG A 126 9.01 -4.36 -3.06
C ARG A 126 9.37 -5.51 -2.15
N ILE A 127 8.41 -5.96 -1.37
CA ILE A 127 8.57 -7.06 -0.43
C ILE A 127 7.81 -8.24 -0.98
N ASN A 128 8.49 -9.38 -1.07
CA ASN A 128 7.94 -10.59 -1.68
C ASN A 128 8.08 -11.79 -0.76
N LYS A 129 7.07 -12.65 -0.76
CA LYS A 129 7.20 -13.98 -0.18
C LYS A 129 8.26 -14.75 -0.96
N THR A 130 8.88 -15.69 -0.28
CA THR A 130 9.71 -16.70 -0.92
C THR A 130 9.08 -18.07 -0.79
N HIS A 131 8.64 -18.36 0.45
CA HIS A 131 8.33 -19.72 0.91
C HIS A 131 6.90 -19.79 1.47
N MET B 1 -32.08 0.00 1.32
CA MET B 1 -32.03 -0.74 2.63
C MET B 1 -30.59 -1.05 3.02
N VAL B 2 -30.09 -0.35 4.02
CA VAL B 2 -28.68 -0.41 4.40
C VAL B 2 -28.43 -1.61 5.30
N ILE B 3 -27.51 -2.47 4.87
CA ILE B 3 -27.06 -3.59 5.64
C ILE B 3 -25.94 -3.19 6.60
N ALA B 4 -24.98 -2.44 6.11
CA ALA B 4 -23.84 -2.00 6.91
C ALA B 4 -23.20 -0.79 6.27
N THR B 5 -22.74 0.11 7.12
CA THR B 5 -21.84 1.18 6.75
C THR B 5 -20.54 0.90 7.45
N ILE B 6 -19.43 0.92 6.71
CA ILE B 6 -18.12 0.58 7.26
C ILE B 6 -17.17 1.71 6.91
N GLN B 7 -16.66 2.41 7.91
CA GLN B 7 -15.62 3.39 7.70
C GLN B 7 -14.32 2.68 7.34
N ALA B 8 -13.65 3.18 6.30
CA ALA B 8 -12.47 2.50 5.78
C ALA B 8 -11.39 2.33 6.83
N GLU B 9 -11.29 3.32 7.70
CA GLU B 9 -10.28 3.38 8.77
C GLU B 9 -10.55 2.44 9.93
N ASP B 10 -11.72 1.80 9.96
CA ASP B 10 -12.10 0.91 11.04
C ASP B 10 -11.78 -0.55 10.73
N HIS B 11 -10.71 -0.74 9.99
CA HIS B 11 -10.19 -2.09 9.71
C HIS B 11 -9.60 -2.72 10.94
N SER B 12 -9.74 -4.04 11.05
CA SER B 12 -9.09 -4.79 12.12
C SER B 12 -7.68 -5.21 11.76
N GLN B 13 -7.36 -5.23 10.47
CA GLN B 13 -6.00 -5.48 9.99
C GLN B 13 -5.87 -4.79 8.65
N GLN B 14 -4.66 -4.43 8.27
CA GLN B 14 -4.42 -3.84 6.96
C GLN B 14 -2.99 -4.07 6.56
N SER B 15 -2.69 -3.83 5.30
CA SER B 15 -1.30 -3.81 4.87
C SER B 15 -1.08 -2.70 3.87
N GLY B 16 -0.04 -1.88 4.13
CA GLY B 16 0.47 -0.94 3.17
C GLY B 16 -0.13 0.44 3.13
N THR B 17 -1.14 0.69 3.94
CA THR B 17 -1.92 1.92 3.82
C THR B 17 -1.74 2.81 5.03
N GLN B 18 -2.25 4.03 4.93
CA GLN B 18 -2.09 5.05 5.96
C GLN B 18 -3.41 5.74 6.19
N GLN B 19 -3.76 6.00 7.43
CA GLN B 19 -4.95 6.77 7.76
C GLN B 19 -4.60 8.25 7.76
N GLU B 20 -5.53 9.08 7.31
CA GLU B 20 -5.34 10.51 7.31
C GLU B 20 -6.67 11.19 7.49
N THR B 21 -6.64 12.44 7.92
CA THR B 21 -7.85 13.23 8.03
C THR B 21 -8.47 13.45 6.66
N THR B 22 -9.79 13.34 6.58
CA THR B 22 -10.51 13.68 5.36
C THR B 22 -11.30 14.97 5.51
N THR B 23 -11.42 15.70 4.41
CA THR B 23 -12.29 16.87 4.34
C THR B 23 -13.59 16.57 3.60
N ASP B 24 -13.85 15.29 3.34
CA ASP B 24 -15.15 14.89 2.81
C ASP B 24 -16.27 15.24 3.80
N THR B 25 -17.49 15.33 3.30
CA THR B 25 -18.67 15.48 4.14
C THR B 25 -18.62 14.51 5.32
N GLY B 26 -18.80 15.03 6.53
CA GLY B 26 -18.86 14.20 7.72
C GLY B 26 -17.54 14.10 8.44
N GLY B 27 -16.46 14.57 7.80
CA GLY B 27 -15.14 14.58 8.39
C GLY B 27 -14.65 13.18 8.72
N GLY B 28 -13.81 13.09 9.73
CA GLY B 28 -13.22 11.85 10.14
C GLY B 28 -11.96 11.58 9.35
N LYS B 29 -11.79 10.32 8.96
CA LYS B 29 -10.55 9.87 8.33
C LYS B 29 -10.84 9.12 7.04
N ASN B 30 -9.82 9.05 6.20
CA ASN B 30 -9.83 8.14 5.06
C ASN B 30 -8.56 7.35 5.07
N VAL B 31 -8.57 6.26 4.30
CA VAL B 31 -7.39 5.47 4.06
C VAL B 31 -6.77 5.97 2.76
N GLY B 32 -5.46 6.13 2.78
CA GLY B 32 -4.69 6.55 1.62
C GLY B 32 -3.40 5.79 1.48
N TYR B 33 -2.56 6.28 0.58
CA TYR B 33 -1.31 5.61 0.18
C TYR B 33 -1.56 4.15 -0.20
N ILE B 34 -2.56 3.97 -1.05
CA ILE B 34 -2.97 2.65 -1.51
C ILE B 34 -2.25 2.32 -2.80
N ASP B 35 -1.55 1.19 -2.79
CA ASP B 35 -0.82 0.66 -3.94
C ASP B 35 -1.37 -0.71 -4.27
N ALA B 36 -1.18 -1.15 -5.51
CA ALA B 36 -1.55 -2.50 -5.87
C ALA B 36 -0.99 -3.48 -4.85
N GLY B 37 -1.84 -4.38 -4.38
CA GLY B 37 -1.48 -5.37 -3.39
C GLY B 37 -1.79 -5.03 -1.95
N ASP B 38 -1.99 -3.75 -1.67
CA ASP B 38 -2.40 -3.33 -0.34
C ASP B 38 -3.80 -3.84 -0.07
N TRP B 39 -4.15 -3.95 1.20
CA TRP B 39 -5.45 -4.49 1.58
C TRP B 39 -5.92 -4.02 2.93
N LEU B 40 -7.22 -4.19 3.14
CA LEU B 40 -7.94 -3.79 4.34
C LEU B 40 -8.83 -4.94 4.75
N SER B 41 -8.81 -5.34 6.00
CA SER B 41 -9.69 -6.38 6.53
C SER B 41 -10.62 -5.80 7.55
N TYR B 42 -11.89 -6.18 7.47
CA TYR B 42 -12.93 -5.82 8.42
C TYR B 42 -13.43 -7.06 9.15
N ALA B 43 -12.54 -8.03 9.32
CA ALA B 43 -12.89 -9.29 9.94
C ALA B 43 -13.28 -9.15 11.41
N GLY B 44 -12.77 -8.13 12.09
CA GLY B 44 -13.10 -7.88 13.49
C GLY B 44 -14.54 -7.43 13.70
N THR B 45 -15.24 -7.02 12.65
CA THR B 45 -16.64 -6.58 12.73
C THR B 45 -17.45 -7.36 11.70
N PRO B 46 -17.77 -8.62 11.99
CA PRO B 46 -18.53 -9.42 11.04
C PRO B 46 -19.88 -8.80 10.76
N VAL B 47 -20.34 -8.91 9.53
CA VAL B 47 -21.59 -8.34 9.05
C VAL B 47 -22.55 -9.43 8.66
N ASN B 48 -23.80 -9.33 9.09
CA ASN B 48 -24.81 -10.31 8.71
C ASN B 48 -25.47 -9.97 7.37
N ILE B 49 -25.52 -10.94 6.48
CA ILE B 49 -26.27 -10.84 5.24
C ILE B 49 -27.55 -11.65 5.45
N PRO B 50 -28.71 -11.01 5.40
CA PRO B 50 -29.96 -11.66 5.81
C PRO B 50 -30.49 -12.72 4.85
N SER B 51 -30.15 -12.61 3.57
CA SER B 51 -30.64 -13.53 2.56
C SER B 51 -29.68 -13.56 1.40
N SER B 52 -29.60 -14.70 0.75
CA SER B 52 -28.73 -14.84 -0.39
C SER B 52 -29.31 -14.08 -1.57
N GLY B 53 -28.45 -13.37 -2.28
CA GLY B 53 -28.88 -12.65 -3.45
C GLY B 53 -28.04 -11.42 -3.73
N SER B 54 -28.61 -10.51 -4.49
CA SER B 54 -27.92 -9.33 -4.98
C SER B 54 -27.85 -8.25 -3.92
N TYR B 55 -26.64 -7.69 -3.75
CA TYR B 55 -26.38 -6.55 -2.89
C TYR B 55 -25.64 -5.48 -3.68
N LEU B 56 -25.95 -4.22 -3.42
CA LEU B 56 -25.29 -3.09 -4.03
C LEU B 56 -24.24 -2.59 -3.05
N ILE B 57 -22.98 -2.57 -3.48
CA ILE B 57 -21.90 -2.08 -2.64
C ILE B 57 -21.47 -0.73 -3.17
N GLU B 58 -21.42 0.26 -2.29
CA GLU B 58 -20.99 1.61 -2.58
C GLU B 58 -19.65 1.88 -1.92
N TYR B 59 -18.83 2.65 -2.60
CA TYR B 59 -17.51 3.04 -2.13
C TYR B 59 -17.35 4.54 -2.29
N ARG B 60 -16.93 5.20 -1.23
CA ARG B 60 -16.71 6.64 -1.23
C ARG B 60 -15.20 6.84 -1.48
N VAL B 61 -14.86 7.35 -2.66
CA VAL B 61 -13.49 7.31 -3.16
C VAL B 61 -13.02 8.65 -3.70
N ALA B 62 -11.71 8.82 -3.71
CA ALA B 62 -11.06 10.00 -4.31
C ALA B 62 -9.82 9.51 -5.05
N SER B 63 -9.46 10.16 -6.13
CA SER B 63 -8.28 9.74 -6.88
C SER B 63 -7.78 10.91 -7.72
N GLN B 64 -6.53 11.31 -7.52
CA GLN B 64 -5.99 12.43 -8.26
C GLN B 64 -5.95 12.13 -9.76
N ASN B 65 -5.46 10.96 -10.14
CA ASN B 65 -5.14 10.65 -11.54
C ASN B 65 -5.90 9.46 -12.14
N GLY B 66 -6.71 8.78 -11.34
CA GLY B 66 -7.42 7.61 -11.83
C GLY B 66 -6.53 6.39 -11.95
N GLY B 67 -7.07 5.35 -12.60
CA GLY B 67 -6.35 4.13 -12.86
C GLY B 67 -6.48 3.03 -11.81
N GLY B 68 -7.11 3.35 -10.69
CA GLY B 68 -7.22 2.40 -9.59
C GLY B 68 -8.33 1.38 -9.79
N SER B 69 -8.25 0.32 -9.01
CA SER B 69 -9.29 -0.70 -8.97
C SER B 69 -9.18 -1.48 -7.67
N LEU B 70 -10.29 -2.05 -7.26
CA LEU B 70 -10.33 -2.88 -6.07
C LEU B 70 -11.14 -4.14 -6.27
N THR B 71 -10.87 -5.08 -5.40
CA THR B 71 -11.64 -6.32 -5.24
C THR B 71 -12.29 -6.33 -3.86
N PHE B 72 -13.60 -6.55 -3.81
CA PHE B 72 -14.38 -6.74 -2.59
C PHE B 72 -14.50 -8.24 -2.40
N GLU B 73 -14.10 -8.72 -1.23
CA GLU B 73 -13.93 -10.16 -1.00
C GLU B 73 -14.20 -10.48 0.46
N GLU B 74 -14.19 -11.76 0.76
CA GLU B 74 -14.13 -12.19 2.14
C GLU B 74 -12.69 -12.01 2.60
N ALA B 75 -12.48 -11.60 3.86
CA ALA B 75 -11.14 -11.45 4.41
C ALA B 75 -10.35 -12.75 4.21
N GLY B 76 -9.12 -12.61 3.72
CA GLY B 76 -8.32 -13.77 3.32
C GLY B 76 -8.33 -14.03 1.81
N GLY B 77 -9.31 -13.51 1.09
CA GLY B 77 -9.29 -13.56 -0.38
C GLY B 77 -10.21 -14.57 -1.04
N ALA B 78 -11.01 -15.29 -0.27
CA ALA B 78 -11.93 -16.27 -0.85
C ALA B 78 -13.17 -16.46 0.00
N PRO B 79 -14.38 -16.42 -0.57
CA PRO B 79 -14.60 -16.06 -1.97
C PRO B 79 -14.45 -14.58 -2.27
N VAL B 80 -14.26 -14.29 -3.54
CA VAL B 80 -14.27 -12.93 -4.05
C VAL B 80 -15.68 -12.59 -4.48
N HIS B 81 -16.12 -11.40 -4.15
CA HIS B 81 -17.47 -10.93 -4.47
C HIS B 81 -17.56 -10.09 -5.73
N GLY B 82 -16.62 -9.18 -5.92
CA GLY B 82 -16.66 -8.36 -7.11
C GLY B 82 -15.49 -7.44 -7.25
N THR B 83 -15.38 -6.77 -8.38
CA THR B 83 -14.34 -5.82 -8.67
C THR B 83 -14.95 -4.54 -9.18
N ILE B 84 -14.23 -3.44 -9.04
CA ILE B 84 -14.73 -2.15 -9.50
C ILE B 84 -13.56 -1.25 -9.84
N ALA B 85 -13.74 -0.51 -10.94
CA ALA B 85 -12.80 0.52 -11.36
C ALA B 85 -13.04 1.82 -10.61
N ILE B 86 -11.97 2.49 -10.26
CA ILE B 86 -12.06 3.73 -9.49
C ILE B 86 -11.67 4.89 -10.39
N PRO B 87 -12.61 5.78 -10.65
CA PRO B 87 -12.36 6.86 -11.62
C PRO B 87 -11.47 7.94 -11.05
N ALA B 88 -10.84 8.72 -11.91
CA ALA B 88 -10.22 9.96 -11.47
C ALA B 88 -11.32 10.90 -10.98
N THR B 89 -11.07 11.56 -9.86
CA THR B 89 -11.94 12.60 -9.34
C THR B 89 -11.23 13.98 -9.38
N GLY B 90 -9.94 14.00 -9.68
CA GLY B 90 -9.18 15.23 -9.85
C GLY B 90 -8.46 15.70 -8.60
N GLY B 91 -8.69 15.04 -7.48
CA GLY B 91 -7.97 15.39 -6.27
C GLY B 91 -8.05 14.31 -5.22
N TRP B 92 -7.07 14.31 -4.34
CA TRP B 92 -6.99 13.32 -3.26
C TRP B 92 -8.11 13.51 -2.23
N GLN B 93 -8.69 14.70 -2.19
CA GLN B 93 -9.82 14.98 -1.30
C GLN B 93 -11.01 15.52 -2.11
N THR B 94 -11.13 15.07 -3.37
CA THR B 94 -12.32 15.31 -4.17
C THR B 94 -13.04 13.97 -4.25
N TRP B 95 -14.18 13.88 -3.60
CA TRP B 95 -14.84 12.60 -3.33
C TRP B 95 -16.04 12.35 -4.22
N THR B 96 -16.27 11.08 -4.55
CA THR B 96 -17.47 10.64 -5.24
C THR B 96 -17.82 9.25 -4.75
N THR B 97 -19.05 8.83 -5.01
CA THR B 97 -19.51 7.50 -4.64
C THR B 97 -19.71 6.68 -5.90
N ILE B 98 -19.09 5.51 -5.92
CA ILE B 98 -19.23 4.53 -6.99
C ILE B 98 -19.89 3.30 -6.43
N GLN B 99 -20.39 2.45 -7.29
CA GLN B 99 -21.14 1.29 -6.86
C GLN B 99 -21.12 0.19 -7.88
N HIS B 100 -21.32 -1.02 -7.38
CA HIS B 100 -21.55 -2.20 -8.19
C HIS B 100 -22.41 -3.18 -7.44
N THR B 101 -22.85 -4.23 -8.11
CA THR B 101 -23.59 -5.30 -7.51
C THR B 101 -22.78 -6.56 -7.42
N VAL B 102 -23.06 -7.33 -6.38
CA VAL B 102 -22.43 -8.61 -6.13
C VAL B 102 -23.50 -9.55 -5.60
N ASN B 103 -23.28 -10.85 -5.74
CA ASN B 103 -24.07 -11.83 -5.05
C ASN B 103 -23.41 -12.16 -3.72
N LEU B 104 -24.20 -12.21 -2.65
CA LEU B 104 -23.68 -12.63 -1.34
C LEU B 104 -24.57 -13.72 -0.76
N SER B 105 -23.95 -14.69 -0.11
CA SER B 105 -24.67 -15.76 0.57
C SER B 105 -25.16 -15.26 1.93
N ALA B 106 -26.28 -15.82 2.39
CA ALA B 106 -26.81 -15.49 3.70
C ALA B 106 -25.84 -15.93 4.78
N GLY B 107 -25.76 -15.15 5.85
CA GLY B 107 -24.98 -15.53 7.01
C GLY B 107 -23.99 -14.45 7.40
N SER B 108 -23.07 -14.81 8.28
CA SER B 108 -22.11 -13.85 8.82
C SER B 108 -20.94 -13.80 7.85
N HIS B 109 -20.54 -12.59 7.48
CA HIS B 109 -19.41 -12.35 6.60
C HIS B 109 -18.35 -11.52 7.28
N GLN B 110 -17.11 -11.76 6.91
CA GLN B 110 -15.97 -10.97 7.32
C GLN B 110 -15.40 -10.43 6.03
N PHE B 111 -15.60 -9.15 5.77
CA PHE B 111 -15.27 -8.55 4.49
C PHE B 111 -13.86 -8.01 4.46
N GLY B 112 -13.31 -7.92 3.26
CA GLY B 112 -12.03 -7.30 3.00
C GLY B 112 -12.02 -6.63 1.65
N ILE B 113 -11.05 -5.76 1.46
CA ILE B 113 -10.80 -5.05 0.22
C ILE B 113 -9.35 -5.22 -0.17
N LYS B 114 -9.10 -5.61 -1.41
CA LYS B 114 -7.73 -5.68 -1.94
C LYS B 114 -7.62 -4.71 -3.10
N ALA B 115 -6.57 -3.91 -3.12
CA ALA B 115 -6.31 -3.01 -4.23
C ALA B 115 -5.62 -3.75 -5.35
N ASN B 116 -6.22 -3.73 -6.52
CA ASN B 116 -5.60 -4.33 -7.71
C ASN B 116 -4.73 -3.33 -8.45
N ALA B 117 -5.04 -2.06 -8.31
CA ALA B 117 -4.22 -0.97 -8.84
C ALA B 117 -4.41 0.16 -7.86
N GLY B 118 -3.36 0.92 -7.58
CA GLY B 118 -3.40 1.94 -6.56
C GLY B 118 -3.82 3.29 -7.09
N GLY B 119 -3.54 4.33 -6.31
CA GLY B 119 -3.77 5.71 -6.74
C GLY B 119 -5.10 6.28 -6.35
N TRP B 120 -5.70 5.73 -5.30
CA TRP B 120 -7.00 6.17 -4.81
C TRP B 120 -7.03 6.14 -3.29
N ASN B 121 -8.02 6.85 -2.75
CA ASN B 121 -8.31 6.93 -1.31
C ASN B 121 -9.73 6.41 -1.07
N LEU B 122 -9.98 5.93 0.15
CA LEU B 122 -11.26 5.34 0.52
C LEU B 122 -11.72 5.91 1.85
N ASN B 123 -12.93 6.45 1.86
CA ASN B 123 -13.51 7.03 3.07
C ASN B 123 -14.35 6.00 3.82
N TRP B 124 -15.25 5.34 3.10
CA TRP B 124 -16.17 4.37 3.68
C TRP B 124 -16.75 3.52 2.57
N ILE B 125 -17.38 2.43 3.00
CA ILE B 125 -18.11 1.52 2.14
C ILE B 125 -19.50 1.30 2.72
N ARG B 126 -20.47 1.03 1.85
CA ARG B 126 -21.83 0.76 2.32
C ARG B 126 -22.39 -0.39 1.54
N ILE B 127 -23.00 -1.33 2.26
CA ILE B 127 -23.63 -2.50 1.70
C ILE B 127 -25.14 -2.31 1.77
N ASN B 128 -25.81 -2.52 0.65
CA ASN B 128 -27.25 -2.26 0.51
C ASN B 128 -27.98 -3.45 -0.07
N LYS B 129 -29.16 -3.74 0.45
CA LYS B 129 -29.99 -4.78 -0.14
C LYS B 129 -30.55 -4.21 -1.45
N THR B 130 -30.69 -5.05 -2.45
CA THR B 130 -31.42 -4.70 -3.67
C THR B 130 -32.82 -5.27 -3.52
N HIS B 131 -32.87 -6.58 -3.23
CA HIS B 131 -34.06 -7.40 -2.93
C HIS B 131 -34.14 -8.52 -3.96
#